data_7SS7
#
_entry.id   7SS7
#
_cell.length_a   106.530
_cell.length_b   106.530
_cell.length_c   53.560
_cell.angle_alpha   90.000
_cell.angle_beta   90.000
_cell.angle_gamma   120.000
#
_symmetry.space_group_name_H-M   'P 32 2 1'
#
loop_
_entity.id
_entity.type
_entity.pdbx_description
1 polymer 'UDP-2,3-diacylglucosamine hydrolase'
2 non-polymer 'MANGANESE (II) ION'
3 non-polymer 6-{[(4-{4-[3-chloro-5-(trifluoromethyl)phenyl]piperazine-1-sulfonyl}phenyl)carbamoyl]amino}-N-hydroxyhexanamide
4 non-polymer 1,2-ETHANEDIOL
5 water water
#
_entity_poly.entity_id   1
_entity_poly.type   'polypeptide(L)'
_entity_poly.pdbx_seq_one_letter_code
;MATLFIADLHLQTEEPAITAGFLRFLQGEARQADALYILGDLFEAWIGDDDPNPLHQQIASAIKAVVDAGVPCYFIHGNR
DFLVGQRFARQSGMILLAEEERLDLYGREVLIMHGDTLCTDDQGYLAFRAKVHTPWIQRLFLALPLFIRHRIAARMRADS
KAANSSKSMEIMDVNPQAVVDAMERHHVQWLIHGHTHRPAVHELQANGQPAWRVVLGAWHSEGSMVKVTPDDVELIHFPF
LEENLYFQSHHHHHHHHHH
;
_entity_poly.pdbx_strand_id   A
#
# COMPACT_ATOMS: atom_id res chain seq x y z
N ALA A 2 -17.49 3.58 6.50
CA ALA A 2 -16.77 2.85 5.45
C ALA A 2 -15.29 2.73 5.77
N THR A 3 -14.66 1.70 5.23
CA THR A 3 -13.23 1.48 5.41
C THR A 3 -12.54 1.59 4.06
N LEU A 4 -11.42 2.34 4.00
CA LEU A 4 -10.77 2.69 2.76
C LEU A 4 -9.45 1.94 2.61
N PHE A 5 -9.13 1.60 1.36
CA PHE A 5 -7.90 0.93 0.98
C PHE A 5 -7.28 1.67 -0.20
N ILE A 6 -5.96 1.92 -0.13
CA ILE A 6 -5.21 2.49 -1.24
C ILE A 6 -3.87 1.78 -1.29
N ALA A 7 -3.22 1.87 -2.44
CA ALA A 7 -1.88 1.29 -2.60
C ALA A 7 -1.26 1.87 -3.86
N ASP A 8 0.05 1.64 -4.01
CA ASP A 8 0.70 1.92 -5.28
C ASP A 8 0.58 3.40 -5.69
N LEU A 9 0.80 4.29 -4.71
CA LEU A 9 0.93 5.71 -5.00
C LEU A 9 2.30 6.08 -5.56
N HIS A 10 3.35 5.38 -5.13
CA HIS A 10 4.73 5.60 -5.59
C HIS A 10 5.12 7.06 -5.47
N LEU A 11 4.83 7.64 -4.31
CA LEU A 11 5.14 9.05 -4.09
C LEU A 11 6.63 9.34 -4.27
N GLN A 12 6.93 10.49 -4.88
CA GLN A 12 8.32 10.89 -5.05
C GLN A 12 8.39 12.38 -5.38
N THR A 13 9.54 12.99 -5.08
CA THR A 13 9.76 14.42 -5.29
C THR A 13 9.39 14.87 -6.70
N GLU A 14 9.74 14.06 -7.69
CA GLU A 14 9.60 14.37 -9.09
C GLU A 14 8.17 14.23 -9.62
N GLU A 15 7.23 13.82 -8.78
CA GLU A 15 5.82 13.69 -9.18
C GLU A 15 4.95 14.47 -8.20
N PRO A 16 5.08 15.81 -8.18
CA PRO A 16 4.30 16.58 -7.18
C PRO A 16 2.80 16.49 -7.36
N ALA A 17 2.30 16.21 -8.57
CA ALA A 17 0.85 16.13 -8.76
C ALA A 17 0.25 14.96 -7.99
N ILE A 18 0.96 13.83 -7.90
CA ILE A 18 0.45 12.70 -7.13
C ILE A 18 0.43 13.04 -5.66
N THR A 19 1.49 13.70 -5.17
CA THR A 19 1.52 14.15 -3.79
C THR A 19 0.34 15.08 -3.48
N ALA A 20 0.09 16.06 -4.35
CA ALA A 20 -1.03 16.97 -4.11
C ALA A 20 -2.36 16.23 -4.14
N GLY A 21 -2.48 15.22 -4.98
CA GLY A 21 -3.70 14.43 -4.99
C GLY A 21 -3.88 13.64 -3.71
N PHE A 22 -2.79 13.07 -3.20
CA PHE A 22 -2.88 12.31 -1.95
C PHE A 22 -3.17 13.24 -0.77
N LEU A 23 -2.57 14.43 -0.75
CA LEU A 23 -2.86 15.37 0.33
C LEU A 23 -4.34 15.77 0.32
N ARG A 24 -4.91 15.98 -0.87
CA ARG A 24 -6.35 16.30 -0.94
C ARG A 24 -7.20 15.14 -0.46
N PHE A 25 -6.84 13.91 -0.85
CA PHE A 25 -7.52 12.71 -0.35
C PHE A 25 -7.46 12.64 1.18
N LEU A 26 -6.30 12.91 1.78
CA LEU A 26 -6.18 12.84 3.24
C LEU A 26 -7.02 13.91 3.93
N GLN A 27 -7.13 15.09 3.33
CA GLN A 27 -7.85 16.18 3.96
C GLN A 27 -9.35 16.10 3.72
N GLY A 28 -9.80 15.25 2.80
CA GLY A 28 -11.22 15.19 2.52
C GLY A 28 -11.77 13.82 2.83
N GLU A 29 -11.70 12.94 1.82
CA GLU A 29 -12.29 11.62 1.90
C GLU A 29 -11.88 10.85 3.14
N ALA A 30 -10.57 10.82 3.42
CA ALA A 30 -10.07 9.99 4.51
C ALA A 30 -10.68 10.38 5.85
N ARG A 31 -11.04 11.66 6.02
CA ARG A 31 -11.50 12.12 7.33
C ARG A 31 -12.87 11.53 7.70
N GLN A 32 -13.61 11.03 6.72
CA GLN A 32 -14.94 10.47 6.95
C GLN A 32 -14.91 8.96 7.16
N ALA A 33 -13.72 8.35 7.08
CA ALA A 33 -13.57 6.91 7.08
C ALA A 33 -13.53 6.35 8.50
N ASP A 34 -13.92 5.08 8.62
CA ASP A 34 -13.71 4.34 9.86
C ASP A 34 -12.24 3.98 10.06
N ALA A 35 -11.51 3.80 8.97
CA ALA A 35 -10.10 3.45 8.99
C ALA A 35 -9.55 3.56 7.58
N LEU A 36 -8.23 3.73 7.49
CA LEU A 36 -7.54 3.82 6.21
C LEU A 36 -6.40 2.81 6.22
N TYR A 37 -6.39 1.92 5.22
CA TYR A 37 -5.33 0.92 5.06
C TYR A 37 -4.54 1.25 3.79
N ILE A 38 -3.22 1.29 3.91
CA ILE A 38 -2.32 1.55 2.79
C ILE A 38 -1.56 0.27 2.52
N LEU A 39 -1.89 -0.40 1.40
CA LEU A 39 -1.40 -1.74 1.12
C LEU A 39 -0.11 -1.73 0.31
N GLY A 40 0.82 -0.88 0.70
CA GLY A 40 2.17 -0.96 0.18
C GLY A 40 2.43 -0.05 -1.01
N ASP A 41 3.72 0.19 -1.28
CA ASP A 41 4.14 1.09 -2.35
C ASP A 41 3.54 2.47 -2.18
N LEU A 42 3.49 2.94 -0.93
CA LEU A 42 3.16 4.33 -0.68
C LEU A 42 4.22 5.25 -1.28
N PHE A 43 5.49 4.88 -1.13
CA PHE A 43 6.62 5.63 -1.66
C PHE A 43 7.28 4.85 -2.80
N GLU A 44 7.83 5.59 -3.77
CA GLU A 44 8.55 4.95 -4.87
C GLU A 44 9.86 4.33 -4.42
N ALA A 45 10.42 4.80 -3.30
CA ALA A 45 11.68 4.26 -2.80
C ALA A 45 11.73 4.52 -1.30
N TRP A 46 12.52 3.70 -0.59
CA TRP A 46 12.78 3.96 0.83
C TRP A 46 14.13 3.36 1.18
N ILE A 47 15.01 4.14 1.78
CA ILE A 47 16.32 3.63 2.16
C ILE A 47 16.53 3.68 3.68
N GLY A 48 15.50 3.99 4.44
CA GLY A 48 15.55 3.96 5.89
C GLY A 48 14.88 5.20 6.47
N ASP A 49 14.43 5.07 7.72
CA ASP A 49 13.65 6.13 8.36
C ASP A 49 14.48 7.35 8.76
N ASP A 50 15.82 7.29 8.66
CA ASP A 50 16.66 8.44 8.98
C ASP A 50 16.89 9.36 7.79
N ASP A 51 16.32 9.04 6.65
CA ASP A 51 16.40 9.84 5.44
C ASP A 51 15.76 11.21 5.67
N PRO A 52 16.47 12.31 5.44
CA PRO A 52 15.89 13.64 5.67
C PRO A 52 15.01 14.17 4.54
N ASN A 53 14.73 13.37 3.50
CA ASN A 53 13.88 13.76 2.39
C ASN A 53 12.65 14.51 2.90
N PRO A 54 12.48 15.79 2.54
CA PRO A 54 11.35 16.58 3.10
C PRO A 54 10.00 15.98 2.78
N LEU A 55 9.87 15.29 1.64
CA LEU A 55 8.57 14.68 1.32
C LEU A 55 8.14 13.71 2.40
N HIS A 56 9.09 13.00 3.01
CA HIS A 56 8.73 12.03 4.04
C HIS A 56 8.04 12.71 5.21
N GLN A 57 8.58 13.85 5.66
CA GLN A 57 7.97 14.57 6.78
C GLN A 57 6.64 15.21 6.38
N GLN A 58 6.55 15.71 5.14
CA GLN A 58 5.29 16.27 4.66
C GLN A 58 4.19 15.22 4.67
N ILE A 59 4.50 14.01 4.19
CA ILE A 59 3.52 12.93 4.16
C ILE A 59 3.21 12.45 5.59
N ALA A 60 4.24 12.31 6.44
CA ALA A 60 3.99 11.88 7.81
C ALA A 60 3.04 12.84 8.52
N SER A 61 3.26 14.15 8.35
N SER A 61 3.25 14.15 8.33
CA SER A 61 2.39 15.14 9.01
CA SER A 61 2.42 15.15 9.00
C SER A 61 0.96 15.03 8.53
C SER A 61 0.98 15.07 8.52
N ALA A 62 0.78 14.83 7.22
CA ALA A 62 -0.57 14.76 6.67
C ALA A 62 -1.31 13.51 7.14
N ILE A 63 -0.61 12.37 7.19
CA ILE A 63 -1.23 11.16 7.71
C ILE A 63 -1.53 11.29 9.20
N LYS A 64 -0.60 11.90 9.95
N LYS A 64 -0.59 11.89 9.94
CA LYS A 64 -0.82 12.07 11.39
CA LYS A 64 -0.79 12.10 11.37
C LYS A 64 -2.02 12.96 11.67
C LYS A 64 -2.05 12.92 11.64
N ALA A 65 -2.33 13.89 10.77
CA ALA A 65 -3.53 14.71 10.97
C ALA A 65 -4.80 13.89 10.81
N VAL A 66 -4.78 12.89 9.93
CA VAL A 66 -5.92 11.99 9.77
C VAL A 66 -6.10 11.15 11.03
N VAL A 67 -5.01 10.57 11.53
CA VAL A 67 -5.02 9.79 12.77
C VAL A 67 -5.55 10.64 13.93
N ASP A 68 -5.04 11.88 14.05
CA ASP A 68 -5.46 12.76 15.14
C ASP A 68 -6.93 13.15 15.02
N ALA A 69 -7.47 13.12 13.81
CA ALA A 69 -8.89 13.38 13.55
C ALA A 69 -9.77 12.17 13.84
N GLY A 70 -9.22 11.08 14.36
CA GLY A 70 -9.99 9.95 14.81
C GLY A 70 -10.04 8.76 13.88
N VAL A 71 -9.24 8.77 12.81
CA VAL A 71 -9.23 7.74 11.78
C VAL A 71 -7.96 6.90 11.87
N PRO A 72 -8.00 5.68 12.40
CA PRO A 72 -6.77 4.89 12.48
C PRO A 72 -6.25 4.55 11.09
N CYS A 73 -4.94 4.63 10.92
CA CYS A 73 -4.28 4.39 9.65
C CYS A 73 -3.29 3.24 9.80
N TYR A 74 -3.27 2.35 8.80
CA TYR A 74 -2.49 1.12 8.85
C TYR A 74 -1.69 0.98 7.56
N PHE A 75 -0.55 0.29 7.66
CA PHE A 75 0.36 0.16 6.52
C PHE A 75 0.86 -1.27 6.41
N ILE A 76 0.76 -1.84 5.22
CA ILE A 76 1.47 -3.07 4.87
C ILE A 76 2.54 -2.69 3.86
N HIS A 77 3.75 -3.27 3.99
CA HIS A 77 4.85 -2.90 3.13
C HIS A 77 4.64 -3.33 1.69
N GLY A 78 5.13 -2.51 0.75
CA GLY A 78 5.25 -2.91 -0.64
C GLY A 78 6.68 -3.34 -0.97
N ASN A 79 6.89 -3.73 -2.23
CA ASN A 79 8.25 -4.05 -2.66
C ASN A 79 9.11 -2.79 -2.84
N ARG A 80 8.49 -1.62 -3.04
CA ARG A 80 9.31 -0.41 -3.15
C ARG A 80 9.72 0.12 -1.79
N ASP A 81 8.84 0.01 -0.79
CA ASP A 81 9.03 0.69 0.50
C ASP A 81 9.09 -0.30 1.67
N PHE A 82 9.73 -1.46 1.45
CA PHE A 82 9.81 -2.46 2.50
C PHE A 82 10.67 -2.03 3.69
N LEU A 83 11.49 -0.99 3.55
CA LEU A 83 12.31 -0.53 4.68
C LEU A 83 11.62 0.48 5.57
N VAL A 84 10.36 0.83 5.32
CA VAL A 84 9.63 1.73 6.22
C VAL A 84 9.56 1.10 7.60
N GLY A 85 9.95 1.86 8.63
CA GLY A 85 10.08 1.28 9.94
C GLY A 85 9.30 1.97 11.04
N GLN A 86 9.62 1.63 12.29
N GLN A 86 9.63 1.64 12.29
CA GLN A 86 8.80 2.13 13.40
CA GLN A 86 8.82 2.11 13.41
C GLN A 86 9.03 3.60 13.71
C GLN A 86 9.02 3.60 13.67
N ARG A 87 10.19 4.15 13.33
CA ARG A 87 10.38 5.59 13.48
C ARG A 87 9.41 6.36 12.57
N PHE A 88 9.29 5.94 11.30
CA PHE A 88 8.29 6.57 10.44
C PHE A 88 6.88 6.29 10.92
N ALA A 89 6.62 5.08 11.44
CA ALA A 89 5.30 4.81 12.02
C ALA A 89 4.98 5.80 13.13
N ARG A 90 5.96 6.12 13.98
CA ARG A 90 5.71 7.08 15.05
C ARG A 90 5.49 8.49 14.51
N GLN A 91 6.27 8.89 13.49
CA GLN A 91 6.13 10.23 12.91
C GLN A 91 4.77 10.42 12.26
N SER A 92 4.26 9.38 11.61
CA SER A 92 3.02 9.45 10.85
C SER A 92 1.79 9.02 11.65
N GLY A 93 1.97 8.38 12.81
CA GLY A 93 0.85 7.80 13.52
C GLY A 93 0.29 6.52 12.94
N MET A 94 0.89 6.01 11.86
N MET A 94 0.94 5.97 11.92
CA MET A 94 0.43 4.77 11.27
CA MET A 94 0.47 4.77 11.21
C MET A 94 0.82 3.58 12.15
C MET A 94 0.96 3.49 11.87
N ILE A 95 0.07 2.51 11.97
CA ILE A 95 0.37 1.23 12.60
C ILE A 95 0.88 0.28 11.51
N LEU A 96 2.06 -0.30 11.73
CA LEU A 96 2.62 -1.23 10.76
C LEU A 96 2.01 -2.62 10.95
N LEU A 97 1.56 -3.23 9.85
CA LEU A 97 0.95 -4.56 9.87
C LEU A 97 1.85 -5.57 9.18
N ALA A 98 1.51 -6.85 9.33
CA ALA A 98 2.27 -7.95 8.73
C ALA A 98 1.95 -8.10 7.25
N GLU A 99 2.66 -9.00 6.56
CA GLU A 99 2.51 -9.06 5.11
C GLU A 99 1.14 -9.57 4.71
N GLU A 100 0.48 -10.36 5.56
CA GLU A 100 -0.93 -10.74 5.39
C GLU A 100 -1.71 -10.43 6.67
N GLU A 101 -2.90 -9.86 6.51
CA GLU A 101 -3.76 -9.61 7.67
C GLU A 101 -5.18 -9.99 7.29
N ARG A 102 -5.90 -10.59 8.23
CA ARG A 102 -7.33 -10.87 8.08
C ARG A 102 -8.12 -9.85 8.89
N LEU A 103 -9.05 -9.16 8.24
CA LEU A 103 -9.85 -8.09 8.85
C LEU A 103 -11.31 -8.50 8.95
N ASP A 104 -11.98 -8.02 10.01
CA ASP A 104 -13.43 -8.06 10.11
C ASP A 104 -13.94 -6.71 9.63
N LEU A 105 -14.57 -6.68 8.46
CA LEU A 105 -15.12 -5.43 7.92
C LEU A 105 -16.65 -5.56 7.90
N TYR A 106 -17.29 -5.03 8.93
CA TYR A 106 -18.76 -5.06 9.04
C TYR A 106 -19.32 -6.49 8.93
N GLY A 107 -18.59 -7.47 9.49
CA GLY A 107 -19.03 -8.85 9.48
C GLY A 107 -18.49 -9.69 8.34
N ARG A 108 -17.82 -9.05 7.37
N ARG A 108 -17.84 -9.07 7.35
CA ARG A 108 -17.16 -9.70 6.23
CA ARG A 108 -17.19 -9.76 6.25
C ARG A 108 -15.69 -9.88 6.57
C ARG A 108 -15.72 -9.90 6.58
N GLU A 109 -15.20 -11.12 6.52
CA GLU A 109 -13.78 -11.37 6.75
C GLU A 109 -13.01 -11.17 5.44
N VAL A 110 -11.96 -10.35 5.49
CA VAL A 110 -11.26 -9.90 4.28
C VAL A 110 -9.75 -10.04 4.52
N LEU A 111 -9.07 -10.72 3.59
CA LEU A 111 -7.60 -10.79 3.59
C LEU A 111 -7.02 -9.59 2.85
N ILE A 112 -5.98 -8.96 3.42
CA ILE A 112 -5.29 -7.87 2.74
C ILE A 112 -3.80 -8.18 2.67
N MET A 113 -3.16 -7.68 1.63
N MET A 113 -3.17 -7.72 1.59
CA MET A 113 -1.72 -7.84 1.42
CA MET A 113 -1.72 -7.91 1.37
C MET A 113 -1.31 -6.88 0.31
C MET A 113 -1.32 -6.98 0.23
N HIS A 114 0.00 -6.74 0.10
CA HIS A 114 0.45 -5.93 -1.03
C HIS A 114 0.15 -6.63 -2.35
N GLY A 115 0.40 -7.93 -2.43
CA GLY A 115 0.12 -8.72 -3.61
C GLY A 115 1.33 -9.32 -4.29
N ASP A 116 2.54 -8.83 -4.00
CA ASP A 116 3.68 -9.36 -4.74
C ASP A 116 3.98 -10.81 -4.38
N THR A 117 3.64 -11.23 -3.15
CA THR A 117 3.86 -12.63 -2.78
C THR A 117 2.92 -13.60 -3.49
N LEU A 118 1.88 -13.10 -4.16
CA LEU A 118 1.02 -13.96 -4.96
C LEU A 118 1.59 -14.24 -6.34
N CYS A 119 2.65 -13.55 -6.73
CA CYS A 119 3.21 -13.67 -8.08
C CYS A 119 4.27 -14.79 -8.11
N THR A 120 3.81 -16.00 -7.79
CA THR A 120 4.72 -17.14 -7.62
C THR A 120 5.28 -17.67 -8.93
N ASP A 121 4.85 -17.15 -10.08
CA ASP A 121 5.48 -17.53 -11.33
C ASP A 121 6.83 -16.83 -11.55
N ASP A 122 7.12 -15.78 -10.78
CA ASP A 122 8.36 -15.02 -10.94
C ASP A 122 9.32 -15.40 -9.82
N GLN A 123 9.93 -16.58 -9.96
CA GLN A 123 10.77 -17.09 -8.89
C GLN A 123 12.03 -16.25 -8.70
N GLY A 124 12.50 -15.60 -9.76
CA GLY A 124 13.62 -14.69 -9.61
C GLY A 124 13.28 -13.51 -8.71
N TYR A 125 12.11 -12.91 -8.91
CA TYR A 125 11.68 -11.85 -8.02
C TYR A 125 11.56 -12.36 -6.59
N LEU A 126 10.94 -13.53 -6.40
CA LEU A 126 10.71 -14.02 -5.04
C LEU A 126 12.02 -14.31 -4.32
N ALA A 127 13.07 -14.69 -5.06
CA ALA A 127 14.38 -14.88 -4.42
C ALA A 127 15.01 -13.56 -4.01
N PHE A 128 14.93 -12.54 -4.88
CA PHE A 128 15.36 -11.20 -4.50
C PHE A 128 14.57 -10.70 -3.28
N ARG A 129 13.26 -10.90 -3.27
CA ARG A 129 12.45 -10.49 -2.13
C ARG A 129 12.91 -11.18 -0.85
N ALA A 130 13.18 -12.49 -0.92
CA ALA A 130 13.65 -13.24 0.24
C ALA A 130 14.93 -12.63 0.80
N LYS A 131 15.84 -12.19 -0.08
CA LYS A 131 17.11 -11.64 0.38
C LYS A 131 16.90 -10.29 1.07
N VAL A 132 16.16 -9.37 0.44
CA VAL A 132 16.01 -8.04 1.05
C VAL A 132 15.07 -8.05 2.25
N HIS A 133 14.35 -9.16 2.50
CA HIS A 133 13.56 -9.28 3.71
C HIS A 133 14.29 -10.03 4.81
N THR A 134 15.54 -10.43 4.56
CA THR A 134 16.32 -11.12 5.58
C THR A 134 16.81 -10.10 6.60
N PRO A 135 16.52 -10.28 7.89
CA PRO A 135 16.81 -9.22 8.86
C PRO A 135 18.28 -8.83 8.94
N TRP A 136 19.22 -9.78 8.86
CA TRP A 136 20.61 -9.38 8.98
C TRP A 136 21.07 -8.60 7.75
N ILE A 137 20.44 -8.83 6.60
CA ILE A 137 20.79 -8.05 5.42
C ILE A 137 20.23 -6.65 5.55
N GLN A 138 18.98 -6.50 6.01
CA GLN A 138 18.44 -5.17 6.24
C GLN A 138 19.28 -4.40 7.25
N ARG A 139 19.72 -5.06 8.32
N ARG A 139 19.71 -5.07 8.33
CA ARG A 139 20.53 -4.38 9.31
CA ARG A 139 20.45 -4.38 9.38
C ARG A 139 21.82 -3.86 8.71
C ARG A 139 21.83 -3.95 8.90
N LEU A 140 22.52 -4.69 7.93
N LEU A 140 22.41 -4.65 7.91
CA LEU A 140 23.77 -4.23 7.32
CA LEU A 140 23.69 -4.22 7.39
C LEU A 140 23.54 -3.07 6.37
C LEU A 140 23.52 -3.07 6.40
N PHE A 141 22.48 -3.13 5.56
CA PHE A 141 22.20 -2.02 4.64
C PHE A 141 21.90 -0.74 5.40
N LEU A 142 21.05 -0.85 6.43
CA LEU A 142 20.68 0.34 7.19
C LEU A 142 21.85 0.92 7.97
N ALA A 143 22.89 0.11 8.23
CA ALA A 143 24.08 0.61 8.91
C ALA A 143 24.96 1.48 8.00
N LEU A 144 24.85 1.32 6.69
CA LEU A 144 25.64 2.13 5.77
C LEU A 144 25.30 3.62 5.91
N PRO A 145 26.26 4.51 5.66
CA PRO A 145 25.94 5.94 5.71
C PRO A 145 24.83 6.27 4.72
N LEU A 146 24.05 7.29 5.06
CA LEU A 146 22.91 7.67 4.22
C LEU A 146 23.35 7.97 2.78
N PHE A 147 24.45 8.71 2.62
CA PHE A 147 24.89 9.07 1.28
C PHE A 147 25.24 7.83 0.46
N ILE A 148 25.77 6.78 1.11
CA ILE A 148 26.05 5.53 0.40
C ILE A 148 24.75 4.85 0.00
N ARG A 149 23.79 4.78 0.92
CA ARG A 149 22.51 4.17 0.62
C ARG A 149 21.82 4.89 -0.54
N HIS A 150 21.88 6.22 -0.56
N HIS A 150 21.91 6.21 -0.59
CA HIS A 150 21.33 6.98 -1.68
CA HIS A 150 21.32 6.98 -1.69
C HIS A 150 21.98 6.55 -2.99
C HIS A 150 21.98 6.65 -3.02
N ARG A 151 23.30 6.47 -3.02
CA ARG A 151 23.99 6.09 -4.26
C ARG A 151 23.59 4.68 -4.70
N ILE A 152 23.46 3.75 -3.76
CA ILE A 152 23.06 2.40 -4.12
C ILE A 152 21.68 2.41 -4.74
N ALA A 153 20.76 3.16 -4.14
CA ALA A 153 19.39 3.19 -4.63
C ALA A 153 19.31 3.84 -6.01
N ALA A 154 20.02 4.96 -6.19
CA ALA A 154 20.00 5.64 -7.48
C ALA A 154 20.60 4.75 -8.55
N ARG A 155 21.66 4.02 -8.20
N ARG A 155 21.68 4.03 -8.22
CA ARG A 155 22.32 3.14 -9.15
CA ARG A 155 22.30 3.15 -9.19
C ARG A 155 21.40 1.99 -9.54
C ARG A 155 21.37 2.00 -9.57
N MET A 156 20.67 1.43 -8.57
N MET A 156 20.67 1.42 -8.59
CA MET A 156 19.74 0.33 -8.88
CA MET A 156 19.75 0.34 -8.90
C MET A 156 18.63 0.79 -9.82
C MET A 156 18.64 0.79 -9.84
N ARG A 157 18.24 2.06 -9.75
CA ARG A 157 17.23 2.60 -10.65
C ARG A 157 17.78 2.72 -12.06
N ALA A 158 18.91 3.42 -12.19
N ILE A 171 4.57 -5.69 -15.88
CA ILE A 171 4.43 -6.03 -14.46
C ILE A 171 3.81 -7.41 -14.31
N MET A 172 4.49 -8.27 -13.54
CA MET A 172 4.00 -9.61 -13.27
C MET A 172 2.57 -9.59 -12.73
N ASP A 173 1.84 -10.67 -12.98
CA ASP A 173 0.48 -10.83 -12.46
C ASP A 173 0.44 -12.04 -11.54
N VAL A 174 -0.65 -12.16 -10.80
CA VAL A 174 -0.74 -13.16 -9.74
C VAL A 174 -0.89 -14.54 -10.34
N ASN A 175 -0.45 -15.53 -9.56
CA ASN A 175 -0.67 -16.93 -9.90
C ASN A 175 -2.03 -17.34 -9.35
N PRO A 176 -2.94 -17.83 -10.18
CA PRO A 176 -4.30 -18.12 -9.68
C PRO A 176 -4.35 -19.10 -8.52
N GLN A 177 -3.48 -20.12 -8.52
CA GLN A 177 -3.47 -21.10 -7.44
C GLN A 177 -2.93 -20.50 -6.14
N ALA A 178 -1.95 -19.59 -6.24
CA ALA A 178 -1.48 -18.89 -5.05
C ALA A 178 -2.59 -18.08 -4.41
N VAL A 179 -3.47 -17.50 -5.23
CA VAL A 179 -4.63 -16.77 -4.71
C VAL A 179 -5.55 -17.71 -3.92
N VAL A 180 -5.93 -18.84 -4.53
CA VAL A 180 -6.78 -19.79 -3.83
C VAL A 180 -6.12 -20.26 -2.54
N ASP A 181 -4.82 -20.59 -2.61
CA ASP A 181 -4.12 -21.06 -1.41
C ASP A 181 -4.15 -20.04 -0.29
N ALA A 182 -3.92 -18.76 -0.62
CA ALA A 182 -3.94 -17.74 0.42
C ALA A 182 -5.33 -17.57 1.01
N MET A 183 -6.38 -17.65 0.17
CA MET A 183 -7.73 -17.40 0.67
C MET A 183 -8.25 -18.59 1.45
N GLU A 184 -7.74 -19.78 1.16
CA GLU A 184 -8.10 -20.94 1.96
C GLU A 184 -7.28 -21.02 3.25
N ARG A 185 -6.03 -20.56 3.23
CA ARG A 185 -5.24 -20.51 4.47
C ARG A 185 -5.91 -19.61 5.50
N HIS A 186 -6.50 -18.50 5.05
CA HIS A 186 -7.18 -17.55 5.93
C HIS A 186 -8.69 -17.77 6.01
N HIS A 187 -9.24 -18.73 5.25
CA HIS A 187 -10.68 -19.01 5.20
C HIS A 187 -11.50 -17.73 5.00
N VAL A 188 -11.19 -16.99 3.93
CA VAL A 188 -11.92 -15.79 3.57
C VAL A 188 -12.52 -15.97 2.17
N GLN A 189 -13.58 -15.20 1.90
CA GLN A 189 -14.13 -15.11 0.55
C GLN A 189 -13.77 -13.78 -0.14
N TRP A 190 -12.97 -12.93 0.50
CA TRP A 190 -12.66 -11.61 -0.03
C TRP A 190 -11.17 -11.34 0.17
N LEU A 191 -10.54 -10.82 -0.87
CA LEU A 191 -9.12 -10.49 -0.83
C LEU A 191 -8.94 -9.14 -1.51
N ILE A 192 -8.20 -8.21 -0.89
CA ILE A 192 -7.87 -6.93 -1.49
C ILE A 192 -6.35 -6.82 -1.55
N HIS A 193 -5.81 -6.45 -2.72
CA HIS A 193 -4.36 -6.27 -2.83
C HIS A 193 -4.05 -5.25 -3.91
N GLY A 194 -2.76 -4.89 -4.00
CA GLY A 194 -2.29 -4.04 -5.07
C GLY A 194 -1.19 -4.72 -5.85
N HIS A 195 -0.08 -4.00 -6.07
CA HIS A 195 1.12 -4.50 -6.76
C HIS A 195 0.98 -4.67 -8.26
N THR A 196 -0.09 -5.30 -8.74
CA THR A 196 -0.16 -5.62 -10.16
C THR A 196 -0.62 -4.45 -11.01
N HIS A 197 -1.12 -3.38 -10.40
CA HIS A 197 -1.53 -2.17 -11.11
C HIS A 197 -2.62 -2.45 -12.15
N ARG A 198 -3.48 -3.43 -11.88
CA ARG A 198 -4.56 -3.80 -12.80
C ARG A 198 -5.88 -3.78 -12.03
N PRO A 199 -6.44 -2.60 -11.80
CA PRO A 199 -7.66 -2.51 -10.97
C PRO A 199 -8.79 -3.32 -11.58
N ALA A 200 -9.39 -4.18 -10.75
CA ALA A 200 -10.36 -5.16 -11.24
C ALA A 200 -11.01 -5.84 -10.04
N VAL A 201 -12.09 -6.57 -10.34
CA VAL A 201 -12.72 -7.46 -9.38
C VAL A 201 -12.82 -8.83 -10.03
N HIS A 202 -12.16 -9.83 -9.45
CA HIS A 202 -12.12 -11.17 -10.01
C HIS A 202 -12.95 -12.13 -9.18
N GLU A 203 -13.78 -12.94 -9.85
CA GLU A 203 -14.50 -13.99 -9.13
C GLU A 203 -13.73 -15.31 -9.25
N LEU A 204 -13.65 -16.05 -8.14
CA LEU A 204 -13.02 -17.36 -8.12
C LEU A 204 -13.82 -18.23 -7.16
N GLN A 205 -13.27 -19.39 -6.80
CA GLN A 205 -13.84 -20.26 -5.79
C GLN A 205 -12.81 -20.56 -4.72
N ALA A 206 -13.21 -20.40 -3.46
CA ALA A 206 -12.34 -20.72 -2.33
C ALA A 206 -13.21 -21.22 -1.19
N ASN A 207 -12.71 -22.23 -0.47
CA ASN A 207 -13.41 -22.80 0.67
C ASN A 207 -14.79 -23.32 0.29
N GLY A 208 -14.90 -23.77 -0.96
CA GLY A 208 -16.15 -24.34 -1.46
C GLY A 208 -17.25 -23.34 -1.77
N GLN A 209 -16.93 -22.06 -1.86
N GLN A 209 -16.92 -22.06 -1.85
CA GLN A 209 -17.91 -21.01 -2.06
CA GLN A 209 -17.89 -20.98 -2.03
C GLN A 209 -17.34 -19.95 -2.99
C GLN A 209 -17.33 -19.97 -3.03
N PRO A 210 -18.20 -19.16 -3.65
CA PRO A 210 -17.70 -18.07 -4.48
C PRO A 210 -16.84 -17.13 -3.66
N ALA A 211 -15.77 -16.64 -4.27
CA ALA A 211 -14.84 -15.71 -3.63
C ALA A 211 -14.44 -14.63 -4.63
N TRP A 212 -13.91 -13.52 -4.10
CA TRP A 212 -13.60 -12.36 -4.93
C TRP A 212 -12.25 -11.77 -4.56
N ARG A 213 -11.50 -11.37 -5.59
CA ARG A 213 -10.20 -10.74 -5.45
C ARG A 213 -10.28 -9.35 -6.06
N VAL A 214 -10.10 -8.32 -5.22
CA VAL A 214 -10.26 -6.92 -5.62
C VAL A 214 -8.89 -6.29 -5.68
N VAL A 215 -8.54 -5.68 -6.82
CA VAL A 215 -7.21 -5.16 -7.07
C VAL A 215 -7.27 -3.64 -7.18
N LEU A 216 -6.40 -2.96 -6.43
CA LEU A 216 -6.27 -1.51 -6.46
C LEU A 216 -5.50 -1.04 -7.69
N GLY A 217 -5.74 0.21 -8.08
CA GLY A 217 -4.97 0.84 -9.14
C GLY A 217 -3.78 1.64 -8.62
N ALA A 218 -2.76 1.76 -9.46
CA ALA A 218 -1.69 2.72 -9.19
C ALA A 218 -2.17 4.13 -9.48
N TRP A 219 -1.57 5.10 -8.79
CA TRP A 219 -1.92 6.51 -8.95
C TRP A 219 -1.09 7.10 -10.08
N HIS A 220 -1.61 7.03 -11.30
CA HIS A 220 -0.80 7.51 -12.42
C HIS A 220 -1.27 8.89 -12.81
N SER A 221 -2.45 8.93 -13.42
N SER A 221 -2.43 8.96 -13.46
CA SER A 221 -3.14 10.12 -13.87
CA SER A 221 -3.08 10.23 -13.76
C SER A 221 -4.22 10.56 -12.88
C SER A 221 -4.17 10.60 -12.78
N GLU A 222 -4.82 9.60 -12.19
CA GLU A 222 -5.93 9.79 -11.26
C GLU A 222 -5.70 8.86 -10.09
N GLY A 223 -6.48 9.06 -9.02
CA GLY A 223 -6.41 8.21 -7.86
C GLY A 223 -7.35 7.01 -7.94
N SER A 224 -7.09 6.04 -7.07
CA SER A 224 -7.86 4.80 -6.98
C SER A 224 -7.97 4.41 -5.51
N MET A 225 -9.13 3.90 -5.14
N MET A 225 -9.16 3.95 -5.11
CA MET A 225 -9.28 3.32 -3.81
CA MET A 225 -9.34 3.41 -3.76
C MET A 225 -10.29 2.19 -3.86
C MET A 225 -10.39 2.31 -3.77
N VAL A 226 -10.34 1.42 -2.78
CA VAL A 226 -11.43 0.48 -2.52
C VAL A 226 -12.12 0.94 -1.25
N LYS A 227 -13.45 1.02 -1.29
CA LYS A 227 -14.27 1.43 -0.16
C LYS A 227 -15.15 0.25 0.20
N VAL A 228 -15.01 -0.25 1.41
CA VAL A 228 -15.84 -1.34 1.92
C VAL A 228 -16.87 -0.76 2.88
N THR A 229 -18.17 -1.06 2.63
CA THR A 229 -19.24 -0.64 3.52
C THR A 229 -19.95 -1.88 4.07
N PRO A 230 -20.90 -1.75 4.99
CA PRO A 230 -21.68 -2.93 5.38
C PRO A 230 -22.46 -3.54 4.21
N ASP A 231 -22.69 -2.78 3.14
CA ASP A 231 -23.60 -3.20 2.09
C ASP A 231 -22.92 -3.56 0.78
N ASP A 232 -21.67 -3.17 0.56
CA ASP A 232 -21.06 -3.44 -0.75
C ASP A 232 -19.55 -3.21 -0.71
N VAL A 233 -18.92 -3.49 -1.85
N VAL A 233 -18.91 -3.51 -1.83
CA VAL A 233 -17.49 -3.25 -2.04
CA VAL A 233 -17.50 -3.21 -2.03
C VAL A 233 -17.33 -2.41 -3.31
C VAL A 233 -17.39 -2.35 -3.29
N GLU A 234 -16.60 -1.29 -3.20
CA GLU A 234 -16.55 -0.27 -4.24
C GLU A 234 -15.11 -0.02 -4.67
N LEU A 235 -14.85 -0.16 -5.97
CA LEU A 235 -13.55 0.22 -6.55
C LEU A 235 -13.77 1.57 -7.24
N ILE A 236 -13.06 2.60 -6.77
CA ILE A 236 -13.44 3.97 -7.08
C ILE A 236 -12.25 4.71 -7.68
N HIS A 237 -12.48 5.38 -8.80
CA HIS A 237 -11.46 6.20 -9.43
C HIS A 237 -11.87 7.66 -9.37
N PHE A 238 -10.91 8.52 -9.04
CA PHE A 238 -11.24 9.91 -8.76
C PHE A 238 -10.06 10.78 -9.15
N PRO A 239 -10.30 12.07 -9.45
CA PRO A 239 -9.20 12.94 -9.85
C PRO A 239 -8.37 13.41 -8.68
N PHE A 240 -7.11 13.74 -8.98
CA PHE A 240 -6.17 14.24 -7.97
C PHE A 240 -6.67 15.54 -7.34
N LEU A 241 -7.09 16.50 -8.16
CA LEU A 241 -7.44 17.83 -7.70
C LEU A 241 -8.92 18.12 -7.89
N GLU A 242 -9.39 19.16 -7.21
CA GLU A 242 -10.73 19.68 -7.43
C GLU A 242 -10.84 20.22 -8.85
N GLU A 243 -11.64 19.54 -9.67
CA GLU A 243 -11.79 19.88 -11.09
C GLU A 243 -12.98 20.84 -11.21
N ASN A 244 -12.68 22.13 -11.14
CA ASN A 244 -13.73 23.14 -11.17
C ASN A 244 -14.42 23.16 -12.51
N LEU A 245 -15.74 23.02 -12.49
CA LEU A 245 -16.55 23.12 -13.69
C LEU A 245 -16.36 24.48 -14.34
N TYR A 246 -16.55 24.52 -15.65
CA TYR A 246 -16.51 25.79 -16.35
C TYR A 246 -17.09 25.56 -17.72
N PHE A 247 -17.60 26.63 -18.30
CA PHE A 247 -18.53 26.46 -19.41
C PHE A 247 -17.95 27.07 -20.68
N GLN A 248 -18.38 26.52 -21.82
CA GLN A 248 -17.98 27.02 -23.13
C GLN A 248 -19.21 27.36 -23.93
N SER A 249 -19.30 28.61 -24.40
#